data_4EM8
#
_entry.id   4EM8
#
_cell.length_a   35.360
_cell.length_b   62.490
_cell.length_c   73.960
_cell.angle_alpha   90.000
_cell.angle_beta   93.130
_cell.angle_gamma   90.000
#
_symmetry.space_group_name_H-M   'P 1 21 1'
#
loop_
_entity.id
_entity.type
_entity.pdbx_description
1 polymer 'Ribose 5-phosphate isomerase B'
2 water water
#
_entity_poly.entity_id   1
_entity_poly.type   'polypeptide(L)'
_entity_poly.pdbx_seq_one_letter_code
;GPGSMVVKRVFLSSDHAGVELRLFLSAYLRDLGCEVFDCGCDPKEHSVDYPDYVHDVVREVSDTSFGVLICGTGIGMSIA
ANRHKNIRAALCSSTMLAKLSREHNDANVLCFGSRYIDPDTAQSVLYTFMTTAFLGGRHAVRVQKLGE
;
_entity_poly.pdbx_strand_id   A,B
#
# COMPACT_ATOMS: atom_id res chain seq x y z
N GLY A 3 -10.43 -10.39 20.44
CA GLY A 3 -10.77 -9.00 20.91
C GLY A 3 -12.08 -8.67 20.22
N SER A 4 -12.77 -7.61 20.64
CA SER A 4 -14.10 -7.32 20.05
C SER A 4 -13.99 -6.92 18.57
N MET A 5 -14.91 -7.37 17.74
CA MET A 5 -14.88 -6.96 16.32
C MET A 5 -15.29 -5.50 16.22
N VAL A 6 -14.51 -4.73 15.47
CA VAL A 6 -14.67 -3.28 15.42
C VAL A 6 -15.85 -2.83 14.56
N VAL A 7 -16.13 -3.57 13.51
CA VAL A 7 -17.33 -3.39 12.68
C VAL A 7 -17.94 -4.76 12.48
N LYS A 8 -19.21 -4.80 12.05
CA LYS A 8 -19.89 -6.07 11.74
C LYS A 8 -20.40 -6.09 10.30
N ARG A 9 -19.86 -5.19 9.45
CA ARG A 9 -20.25 -5.10 8.06
C ARG A 9 -18.96 -5.06 7.23
N VAL A 10 -18.90 -5.89 6.20
CA VAL A 10 -17.76 -5.91 5.31
C VAL A 10 -18.21 -6.04 3.85
N PHE A 11 -17.58 -5.25 3.00
CA PHE A 11 -17.76 -5.35 1.57
C PHE A 11 -16.47 -5.93 0.94
N LEU A 12 -16.65 -6.94 0.10
CA LEU A 12 -15.50 -7.64 -0.47
C LEU A 12 -15.55 -7.64 -1.98
N SER A 13 -14.40 -7.45 -2.62
CA SER A 13 -14.32 -7.64 -4.04
C SER A 13 -12.97 -8.16 -4.48
N SER A 14 -12.97 -8.71 -5.71
CA SER A 14 -11.79 -9.16 -6.34
C SER A 14 -11.85 -9.12 -7.86
N ASP A 15 -10.66 -9.32 -8.44
CA ASP A 15 -10.54 -9.67 -9.83
C ASP A 15 -10.56 -11.19 -9.92
N HIS A 16 -10.30 -11.71 -11.10
CA HIS A 16 -10.43 -13.14 -11.34
C HIS A 16 -9.48 -13.92 -10.47
N ALA A 17 -8.29 -13.37 -10.20
CA ALA A 17 -7.26 -14.07 -9.40
C ALA A 17 -7.73 -14.30 -7.98
N GLY A 18 -8.53 -13.36 -7.49
CA GLY A 18 -8.95 -13.33 -6.08
C GLY A 18 -10.26 -13.99 -5.73
N VAL A 19 -10.95 -14.58 -6.71
CA VAL A 19 -12.32 -15.11 -6.49
C VAL A 19 -12.37 -16.18 -5.40
N GLU A 20 -11.51 -17.19 -5.50
CA GLU A 20 -11.50 -18.28 -4.54
C GLU A 20 -11.24 -17.78 -3.10
N LEU A 21 -10.23 -16.92 -2.91
CA LEU A 21 -9.98 -16.40 -1.59
C LEU A 21 -11.13 -15.51 -1.11
N ARG A 22 -11.68 -14.69 -2.01
CA ARG A 22 -12.80 -13.83 -1.66
C ARG A 22 -13.99 -14.63 -1.11
N LEU A 23 -14.28 -15.76 -1.71
CA LEU A 23 -15.45 -16.56 -1.31
C LEU A 23 -15.15 -17.28 0.02
N PHE A 24 -13.89 -17.73 0.18
CA PHE A 24 -13.41 -18.31 1.44
C PHE A 24 -13.53 -17.33 2.62
N LEU A 25 -13.05 -16.10 2.43
CA LEU A 25 -13.10 -15.09 3.49
C LEU A 25 -14.52 -14.57 3.72
N SER A 26 -15.37 -14.56 2.69
CA SER A 26 -16.76 -14.17 2.88
C SER A 26 -17.49 -15.16 3.79
N ALA A 27 -17.28 -16.47 3.55
CA ALA A 27 -17.88 -17.52 4.38
C ALA A 27 -17.36 -17.45 5.82
N TYR A 28 -16.07 -17.17 5.98
CA TYR A 28 -15.50 -16.98 7.31
C TYR A 28 -16.21 -15.85 8.05
N LEU A 29 -16.24 -14.67 7.44
CA LEU A 29 -16.93 -13.54 8.04
C LEU A 29 -18.39 -13.84 8.40
N ARG A 30 -19.09 -14.54 7.51
CA ARG A 30 -20.49 -14.88 7.76
C ARG A 30 -20.59 -15.78 9.00
N ASP A 31 -19.68 -16.76 9.12
CA ASP A 31 -19.66 -17.63 10.29
C ASP A 31 -19.40 -16.81 11.57
N LEU A 32 -18.60 -15.76 11.45
CA LEU A 32 -18.35 -14.83 12.57
C LEU A 32 -19.51 -13.88 12.88
N GLY A 33 -20.57 -13.94 12.10
CA GLY A 33 -21.75 -13.11 12.36
C GLY A 33 -21.71 -11.73 11.74
N CYS A 34 -20.83 -11.51 10.76
CA CYS A 34 -20.82 -10.24 10.04
C CYS A 34 -21.90 -10.19 8.98
N GLU A 35 -22.37 -8.98 8.66
CA GLU A 35 -23.05 -8.76 7.40
C GLU A 35 -21.99 -8.69 6.33
N VAL A 36 -22.14 -9.50 5.29
CA VAL A 36 -21.13 -9.62 4.27
C VAL A 36 -21.69 -9.32 2.89
N PHE A 37 -21.03 -8.45 2.16
CA PHE A 37 -21.56 -7.96 0.89
C PHE A 37 -20.55 -8.25 -0.24
N ASP A 38 -20.92 -9.16 -1.14
CA ASP A 38 -20.07 -9.58 -2.28
C ASP A 38 -20.25 -8.58 -3.40
N CYS A 39 -19.17 -7.89 -3.78
CA CYS A 39 -19.22 -6.88 -4.86
C CYS A 39 -18.50 -7.31 -6.16
N GLY A 40 -18.41 -8.61 -6.38
CA GLY A 40 -17.84 -9.15 -7.61
C GLY A 40 -16.31 -9.23 -7.52
N CYS A 41 -15.63 -9.71 -8.56
CA CYS A 41 -16.26 -10.05 -9.86
C CYS A 41 -17.02 -11.36 -9.83
N ASP A 42 -17.83 -11.56 -10.84
CA ASP A 42 -18.60 -12.79 -10.99
C ASP A 42 -17.59 -13.93 -11.11
N PRO A 43 -17.76 -15.01 -10.35
CA PRO A 43 -16.82 -16.15 -10.46
C PRO A 43 -16.69 -16.75 -11.87
N LYS A 44 -17.73 -16.63 -12.69
CA LYS A 44 -17.68 -17.06 -14.10
C LYS A 44 -16.64 -16.28 -14.94
N GLU A 45 -16.19 -15.13 -14.44
CA GLU A 45 -15.25 -14.28 -15.18
C GLU A 45 -13.82 -14.79 -14.99
N HIS A 46 -13.16 -15.11 -16.09
CA HIS A 46 -11.78 -15.62 -16.04
C HIS A 46 -10.70 -14.57 -16.25
N SER A 47 -11.05 -13.40 -16.76
CA SER A 47 -10.16 -12.25 -16.75
C SER A 47 -10.88 -10.90 -16.66
N VAL A 48 -10.65 -10.14 -15.58
CA VAL A 48 -11.14 -8.76 -15.45
C VAL A 48 -10.02 -7.84 -14.95
N ASP A 49 -10.30 -6.53 -14.88
CA ASP A 49 -9.33 -5.53 -14.45
C ASP A 49 -9.60 -5.08 -13.01
N TYR A 50 -8.67 -5.35 -12.09
CA TYR A 50 -8.90 -5.06 -10.66
C TYR A 50 -9.41 -3.65 -10.40
N PRO A 51 -8.91 -2.63 -11.14
CA PRO A 51 -9.41 -1.28 -10.83
C PRO A 51 -10.94 -1.08 -10.97
N ASP A 52 -11.58 -1.84 -11.84
CA ASP A 52 -13.02 -1.73 -12.02
C ASP A 52 -13.84 -2.27 -10.84
N TYR A 53 -13.22 -3.02 -9.94
CA TYR A 53 -13.94 -3.67 -8.83
C TYR A 53 -13.72 -3.00 -7.45
N VAL A 54 -13.11 -1.83 -7.46
CA VAL A 54 -12.84 -1.07 -6.24
C VAL A 54 -13.99 -0.13 -5.84
N HIS A 55 -14.59 0.50 -6.83
CA HIS A 55 -15.58 1.55 -6.58
C HIS A 55 -16.73 1.13 -5.69
N ASP A 56 -17.31 -0.01 -5.97
CA ASP A 56 -18.44 -0.48 -5.21
C ASP A 56 -18.14 -0.76 -3.75
N VAL A 57 -16.89 -1.11 -3.44
CA VAL A 57 -16.47 -1.37 -2.09
C VAL A 57 -16.20 -0.04 -1.38
N VAL A 58 -15.33 0.79 -1.96
CA VAL A 58 -14.93 2.03 -1.29
C VAL A 58 -16.11 3.01 -1.09
N ARG A 59 -17.09 2.96 -1.98
CA ARG A 59 -18.34 3.75 -1.81
C ARG A 59 -19.03 3.41 -0.50
N GLU A 60 -18.90 2.17 -0.04
CA GLU A 60 -19.64 1.72 1.14
C GLU A 60 -18.84 1.74 2.45
N VAL A 61 -17.53 1.96 2.36
CA VAL A 61 -16.67 1.94 3.54
C VAL A 61 -16.93 3.14 4.47
N SER A 62 -16.96 2.90 5.77
CA SER A 62 -17.26 3.98 6.75
C SER A 62 -16.78 3.60 8.15
N ASP A 63 -17.04 4.45 9.14
CA ASP A 63 -16.76 4.12 10.54
C ASP A 63 -17.49 2.84 10.95
N THR A 64 -18.54 2.46 10.25
CA THR A 64 -19.26 1.22 10.53
C THR A 64 -19.09 0.06 9.52
N SER A 65 -18.33 0.29 8.45
CA SER A 65 -18.20 -0.71 7.37
C SER A 65 -16.79 -0.75 6.82
N PHE A 66 -16.15 -1.93 6.86
CA PHE A 66 -14.81 -2.11 6.26
C PHE A 66 -14.89 -2.81 4.89
N GLY A 67 -13.76 -2.79 4.19
CA GLY A 67 -13.68 -3.40 2.88
C GLY A 67 -12.53 -4.36 2.82
N VAL A 68 -12.65 -5.33 1.92
CA VAL A 68 -11.57 -6.25 1.61
C VAL A 68 -11.44 -6.30 0.09
N LEU A 69 -10.25 -6.02 -0.42
CA LEU A 69 -9.95 -6.08 -1.86
C LEU A 69 -8.86 -7.10 -2.21
N ILE A 70 -9.05 -7.88 -3.29
CA ILE A 70 -8.11 -8.97 -3.58
C ILE A 70 -7.73 -9.04 -5.07
N CYS A 71 -6.45 -8.97 -5.36
CA CYS A 71 -5.97 -9.23 -6.72
C CYS A 71 -4.82 -10.20 -6.56
N GLY A 72 -4.09 -10.48 -7.64
CA GLY A 72 -3.00 -11.46 -7.53
C GLY A 72 -1.96 -11.17 -6.46
N THR A 73 -1.55 -9.91 -6.40
CA THR A 73 -0.49 -9.43 -5.50
C THR A 73 -0.97 -8.56 -4.34
N GLY A 74 -2.14 -7.98 -4.50
CA GLY A 74 -2.64 -7.01 -3.58
C GLY A 74 -2.15 -5.59 -3.80
N ILE A 75 -1.12 -5.44 -4.65
CA ILE A 75 -0.44 -4.17 -4.84
C ILE A 75 -1.38 -3.23 -5.59
N GLY A 76 -2.00 -3.73 -6.65
CA GLY A 76 -2.88 -2.91 -7.46
C GLY A 76 -4.15 -2.47 -6.75
N MET A 77 -4.77 -3.38 -6.01
CA MET A 77 -5.93 -3.00 -5.21
C MET A 77 -5.60 -1.92 -4.18
N SER A 78 -4.44 -2.01 -3.52
CA SER A 78 -4.10 -0.97 -2.51
C SER A 78 -3.88 0.40 -3.12
N ILE A 79 -3.23 0.43 -4.29
CA ILE A 79 -3.07 1.69 -5.03
C ILE A 79 -4.46 2.28 -5.39
N ALA A 80 -5.32 1.48 -5.98
CA ALA A 80 -6.61 1.92 -6.45
C ALA A 80 -7.52 2.37 -5.30
N ALA A 81 -7.50 1.63 -4.19
CA ALA A 81 -8.28 1.95 -2.95
C ALA A 81 -7.93 3.29 -2.37
N ASN A 82 -6.61 3.59 -2.34
CA ASN A 82 -6.11 4.79 -1.67
C ASN A 82 -6.21 6.06 -2.49
N ARG A 83 -6.75 5.93 -3.69
CA ARG A 83 -7.19 7.07 -4.50
C ARG A 83 -8.29 7.90 -3.84
N HIS A 84 -9.04 7.30 -2.89
CA HIS A 84 -10.17 7.95 -2.23
C HIS A 84 -9.83 8.40 -0.83
N LYS A 85 -10.17 9.65 -0.54
CA LYS A 85 -9.83 10.29 0.75
C LYS A 85 -10.46 9.68 2.02
N ASN A 86 -11.53 8.91 1.87
CA ASN A 86 -12.18 8.28 3.02
C ASN A 86 -11.56 6.91 3.31
N ILE A 87 -10.68 6.45 2.41
CA ILE A 87 -10.14 5.11 2.44
C ILE A 87 -8.71 5.11 2.92
N ARG A 88 -8.42 4.14 3.79
CA ARG A 88 -7.08 3.92 4.29
C ARG A 88 -6.81 2.44 4.16
N ALA A 89 -6.25 2.08 2.99
CA ALA A 89 -6.01 0.68 2.61
C ALA A 89 -4.61 0.20 2.92
N ALA A 90 -4.50 -1.06 3.34
CA ALA A 90 -3.18 -1.69 3.59
C ALA A 90 -3.18 -3.10 3.03
N LEU A 91 -2.16 -3.41 2.22
CA LEU A 91 -1.85 -4.79 1.82
C LEU A 91 -1.15 -5.49 2.98
N CYS A 92 -1.78 -6.52 3.54
CA CYS A 92 -1.19 -7.17 4.69
C CYS A 92 -0.99 -8.63 4.37
N SER A 93 0.18 -9.14 4.70
CA SER A 93 0.47 -10.56 4.50
C SER A 93 0.79 -11.22 5.83
N SER A 94 0.61 -10.49 6.90
CA SER A 94 0.92 -10.98 8.23
C SER A 94 -0.03 -10.32 9.20
N THR A 95 -0.23 -10.97 10.34
CA THR A 95 -1.04 -10.37 11.41
C THR A 95 -0.34 -9.08 11.96
N MET A 96 0.98 -9.03 11.96
CA MET A 96 1.67 -7.83 12.51
C MET A 96 1.33 -6.58 11.70
N LEU A 97 1.39 -6.69 10.37
CA LEU A 97 1.02 -5.54 9.52
C LEU A 97 -0.46 -5.16 9.62
N ALA A 98 -1.36 -6.16 9.69
CA ALA A 98 -2.78 -5.92 9.94
C ALA A 98 -2.94 -5.11 11.23
N LYS A 99 -2.26 -5.57 12.28
CA LYS A 99 -2.31 -4.91 13.60
C LYS A 99 -1.84 -3.45 13.53
N LEU A 100 -0.68 -3.22 12.91
CA LEU A 100 -0.09 -1.91 12.86
C LEU A 100 -0.98 -0.97 12.02
N SER A 101 -1.56 -1.48 10.92
CA SER A 101 -2.37 -0.62 10.04
C SER A 101 -3.63 -0.10 10.75
N ARG A 102 -4.23 -0.96 11.57
CA ARG A 102 -5.35 -0.61 12.41
C ARG A 102 -4.92 0.36 13.53
N GLU A 103 -3.87 -0.03 14.25
CA GLU A 103 -3.44 0.77 15.42
C GLU A 103 -3.00 2.18 15.04
N HIS A 104 -2.20 2.31 13.99
CA HIS A 104 -1.63 3.61 13.61
C HIS A 104 -2.39 4.34 12.58
N ASN A 105 -2.94 3.64 11.59
CA ASN A 105 -3.59 4.34 10.47
C ASN A 105 -5.12 4.23 10.42
N ASP A 106 -5.71 3.59 11.41
CA ASP A 106 -7.15 3.31 11.44
C ASP A 106 -7.59 2.72 10.12
N ALA A 107 -6.84 1.74 9.62
CA ALA A 107 -7.06 1.22 8.26
C ALA A 107 -8.48 0.66 8.14
N ASN A 108 -9.18 1.01 7.07
CA ASN A 108 -10.56 0.55 6.88
C ASN A 108 -10.76 -0.38 5.67
N VAL A 109 -9.70 -0.59 4.89
CA VAL A 109 -9.66 -1.55 3.76
C VAL A 109 -8.41 -2.44 3.81
N LEU A 110 -8.66 -3.74 3.87
CA LEU A 110 -7.61 -4.76 3.87
C LEU A 110 -7.42 -5.32 2.45
N CYS A 111 -6.20 -5.25 1.92
CA CYS A 111 -5.89 -5.84 0.63
C CYS A 111 -5.06 -7.13 0.75
N PHE A 112 -5.36 -8.15 -0.04
CA PHE A 112 -4.59 -9.39 -0.10
C PHE A 112 -4.11 -9.67 -1.52
N GLY A 113 -3.02 -10.43 -1.60
CA GLY A 113 -2.44 -10.95 -2.84
C GLY A 113 -2.70 -12.43 -2.83
N SER A 114 -3.75 -12.84 -3.55
CA SER A 114 -4.27 -14.20 -3.47
C SER A 114 -3.25 -15.23 -3.95
N ARG A 115 -2.35 -14.84 -4.86
CA ARG A 115 -1.34 -15.75 -5.37
C ARG A 115 -0.14 -15.94 -4.46
N TYR A 116 -0.07 -15.20 -3.37
CA TYR A 116 1.08 -15.16 -2.48
C TYR A 116 0.74 -15.40 -1.00
N ILE A 117 -0.54 -15.60 -0.66
CA ILE A 117 -0.92 -15.87 0.75
C ILE A 117 -1.82 -17.10 0.80
N ASP A 118 -1.60 -17.98 1.76
CA ASP A 118 -2.44 -19.15 1.83
C ASP A 118 -3.72 -18.77 2.59
N PRO A 119 -4.84 -19.46 2.30
CA PRO A 119 -6.13 -19.05 2.85
C PRO A 119 -6.17 -19.01 4.36
N ASP A 120 -5.54 -19.97 5.03
CA ASP A 120 -5.60 -19.99 6.48
C ASP A 120 -4.83 -18.81 7.07
N THR A 121 -3.69 -18.44 6.50
CA THR A 121 -2.99 -17.27 6.96
C THR A 121 -3.83 -16.02 6.68
N ALA A 122 -4.45 -15.95 5.51
CA ALA A 122 -5.30 -14.81 5.17
C ALA A 122 -6.44 -14.62 6.19
N GLN A 123 -6.99 -15.74 6.64
CA GLN A 123 -8.07 -15.70 7.63
C GLN A 123 -7.58 -15.12 8.98
N SER A 124 -6.37 -15.51 9.43
CA SER A 124 -5.76 -14.91 10.64
C SER A 124 -5.55 -13.42 10.46
N VAL A 125 -5.09 -13.00 9.27
CA VAL A 125 -4.81 -11.58 9.01
C VAL A 125 -6.08 -10.74 9.07
N LEU A 126 -7.11 -11.23 8.40
CA LEU A 126 -8.44 -10.67 8.46
C LEU A 126 -9.00 -10.64 9.88
N TYR A 127 -8.78 -11.69 10.69
CA TYR A 127 -9.31 -11.70 12.05
C TYR A 127 -8.67 -10.56 12.87
N THR A 128 -7.34 -10.48 12.78
CA THR A 128 -6.54 -9.43 13.44
C THR A 128 -7.01 -8.04 13.00
N PHE A 129 -7.14 -7.85 11.69
CA PHE A 129 -7.61 -6.59 11.13
C PHE A 129 -8.95 -6.16 11.74
N MET A 130 -9.88 -7.11 11.81
CA MET A 130 -11.24 -6.85 12.31
C MET A 130 -11.33 -6.62 13.83
N THR A 131 -10.37 -7.12 14.60
CA THR A 131 -10.43 -7.08 16.04
C THR A 131 -9.39 -6.15 16.69
N THR A 132 -8.67 -5.37 15.90
CA THR A 132 -7.69 -4.39 16.43
C THR A 132 -8.26 -2.98 16.40
N ALA A 133 -8.29 -2.37 17.58
CA ALA A 133 -8.72 -1.00 17.77
C ALA A 133 -7.65 0.02 17.30
N PHE A 134 -8.13 1.15 16.83
CA PHE A 134 -7.28 2.29 16.49
C PHE A 134 -6.73 2.84 17.80
N LEU A 135 -5.44 3.15 17.85
CA LEU A 135 -4.84 3.69 19.07
C LEU A 135 -5.15 5.17 19.34
N GLY A 136 -5.59 5.93 18.33
CA GLY A 136 -5.78 7.38 18.47
C GLY A 136 -4.48 8.05 18.92
N GLY A 137 -4.55 8.88 19.95
CA GLY A 137 -3.34 9.52 20.47
C GLY A 137 -2.59 10.36 19.44
N ARG A 138 -1.27 10.18 19.37
CA ARG A 138 -0.45 10.96 18.45
C ARG A 138 -0.70 10.58 16.97
N HIS A 139 -1.35 9.43 16.76
CA HIS A 139 -1.73 9.00 15.41
C HIS A 139 -2.93 9.73 14.84
N ALA A 140 -3.79 10.26 15.70
CA ALA A 140 -5.04 10.87 15.24
C ALA A 140 -4.80 12.01 14.29
N VAL A 141 -3.89 12.94 14.62
CA VAL A 141 -3.63 14.07 13.73
C VAL A 141 -3.18 13.61 12.33
N ARG A 142 -2.38 12.56 12.25
CA ARG A 142 -1.87 12.07 10.95
C ARG A 142 -2.97 11.39 10.13
N VAL A 143 -3.79 10.58 10.80
CA VAL A 143 -4.95 9.97 10.14
C VAL A 143 -5.90 11.06 9.63
N GLN A 144 -6.12 12.09 10.43
CA GLN A 144 -6.97 13.22 9.99
C GLN A 144 -6.40 13.88 8.73
N LYS A 145 -5.10 14.12 8.70
CA LYS A 145 -4.45 14.68 7.49
C LYS A 145 -4.60 13.79 6.24
N LEU A 146 -4.63 12.48 6.44
CA LEU A 146 -4.82 11.54 5.32
C LEU A 146 -6.14 11.73 4.58
N GLY A 147 -7.13 12.35 5.23
CA GLY A 147 -8.39 12.60 4.60
C GLY A 147 -8.60 14.00 4.06
N GLU A 148 -7.61 14.89 4.17
CA GLU A 148 -7.78 16.32 3.88
C GLU A 148 -7.77 16.74 2.40
N GLY B 3 18.47 -5.28 -17.07
CA GLY B 3 18.69 -4.84 -15.63
C GLY B 3 19.43 -3.51 -15.48
N SER B 4 19.23 -2.58 -16.41
CA SER B 4 19.76 -1.24 -16.24
C SER B 4 18.79 -0.34 -15.43
N MET B 5 19.30 0.79 -14.96
CA MET B 5 18.51 1.73 -14.18
C MET B 5 17.39 2.34 -15.01
N VAL B 6 16.15 2.20 -14.54
CA VAL B 6 14.98 2.65 -15.30
C VAL B 6 14.81 4.17 -15.26
N VAL B 7 15.21 4.78 -14.15
CA VAL B 7 15.33 6.25 -14.06
C VAL B 7 16.65 6.57 -13.36
N LYS B 8 17.10 7.82 -13.51
CA LYS B 8 18.30 8.29 -12.82
C LYS B 8 18.06 9.56 -11.99
N ARG B 9 16.79 9.83 -11.65
CA ARG B 9 16.41 10.93 -10.77
C ARG B 9 15.48 10.41 -9.71
N VAL B 10 15.77 10.69 -8.44
CA VAL B 10 14.91 10.24 -7.35
C VAL B 10 14.68 11.35 -6.33
N PHE B 11 13.45 11.45 -5.84
CA PHE B 11 13.10 12.41 -4.79
C PHE B 11 12.72 11.62 -3.54
N LEU B 12 13.33 11.94 -2.41
CA LEU B 12 13.10 11.13 -1.21
C LEU B 12 12.59 12.02 -0.08
N SER B 13 11.66 11.52 0.72
CA SER B 13 11.27 12.20 1.97
C SER B 13 10.98 11.18 3.08
N SER B 14 10.95 11.70 4.31
CA SER B 14 10.54 10.92 5.42
C SER B 14 9.98 11.82 6.50
N ASP B 15 9.23 11.22 7.41
CA ASP B 15 9.04 11.82 8.72
C ASP B 15 10.28 11.54 9.61
N HIS B 16 10.18 11.91 10.89
CA HIS B 16 11.28 11.77 11.84
C HIS B 16 11.79 10.34 11.97
N ALA B 17 10.91 9.34 11.87
CA ALA B 17 11.31 7.93 11.99
C ALA B 17 12.26 7.47 10.88
N GLY B 18 12.08 8.03 9.71
CA GLY B 18 12.79 7.59 8.52
C GLY B 18 14.02 8.39 8.12
N VAL B 19 14.46 9.32 8.97
CA VAL B 19 15.57 10.23 8.60
C VAL B 19 16.86 9.47 8.32
N GLU B 20 17.26 8.59 9.22
CA GLU B 20 18.50 7.83 9.05
C GLU B 20 18.50 6.97 7.77
N LEU B 21 17.42 6.22 7.55
CA LEU B 21 17.33 5.40 6.36
C LEU B 21 17.30 6.29 5.11
N ARG B 22 16.55 7.38 5.16
CA ARG B 22 16.47 8.28 4.03
C ARG B 22 17.86 8.80 3.61
N LEU B 23 18.62 9.25 4.58
CA LEU B 23 20.00 9.70 4.31
C LEU B 23 20.94 8.58 3.76
N PHE B 24 20.85 7.40 4.35
CA PHE B 24 21.59 6.20 3.89
C PHE B 24 21.22 5.82 2.46
N LEU B 25 19.93 5.77 2.16
CA LEU B 25 19.49 5.45 0.80
C LEU B 25 19.81 6.56 -0.20
N SER B 26 19.83 7.81 0.24
CA SER B 26 20.21 8.91 -0.64
C SER B 26 21.68 8.78 -1.08
N ALA B 27 22.53 8.45 -0.12
CA ALA B 27 23.95 8.24 -0.33
C ALA B 27 24.22 7.11 -1.34
N TYR B 28 23.48 6.00 -1.17
CA TYR B 28 23.59 4.86 -2.09
C TYR B 28 23.23 5.26 -3.50
N LEU B 29 22.10 5.94 -3.62
CA LEU B 29 21.65 6.40 -4.90
C LEU B 29 22.64 7.40 -5.55
N ARG B 30 23.31 8.25 -4.75
CA ARG B 30 24.38 9.08 -5.31
C ARG B 30 25.55 8.24 -5.86
N ASP B 31 25.99 7.24 -5.09
CA ASP B 31 27.07 6.37 -5.55
C ASP B 31 26.71 5.71 -6.88
N LEU B 32 25.45 5.33 -7.04
CA LEU B 32 24.96 4.74 -8.30
C LEU B 32 24.81 5.75 -9.47
N GLY B 33 25.05 7.02 -9.24
CA GLY B 33 24.99 8.01 -10.33
C GLY B 33 23.66 8.68 -10.55
N CYS B 34 22.71 8.51 -9.62
CA CYS B 34 21.44 9.24 -9.72
C CYS B 34 21.56 10.70 -9.31
N GLU B 35 20.66 11.52 -9.83
CA GLU B 35 20.42 12.83 -9.27
C GLU B 35 19.42 12.63 -8.16
N VAL B 36 19.76 13.12 -6.98
CA VAL B 36 19.06 12.76 -5.77
C VAL B 36 18.59 14.04 -5.13
N PHE B 37 17.30 14.11 -4.80
CA PHE B 37 16.71 15.28 -4.19
C PHE B 37 16.12 14.95 -2.85
N ASP B 38 16.60 15.62 -1.83
CA ASP B 38 16.15 15.40 -0.46
C ASP B 38 15.03 16.36 -0.15
N CYS B 39 13.83 15.85 0.12
CA CYS B 39 12.69 16.72 0.36
C CYS B 39 12.24 16.75 1.83
N GLY B 40 13.18 16.51 2.77
CA GLY B 40 12.90 16.65 4.21
C GLY B 40 12.22 15.36 4.70
N CYS B 41 11.88 15.29 5.99
CA CYS B 41 11.98 16.40 6.94
C CYS B 41 13.42 16.72 7.35
N ASP B 42 13.61 17.92 7.90
CA ASP B 42 14.93 18.31 8.43
C ASP B 42 15.33 17.30 9.49
N PRO B 43 16.59 16.83 9.47
CA PRO B 43 16.98 15.85 10.51
C PRO B 43 16.91 16.35 11.97
N LYS B 44 16.85 17.67 12.19
CA LYS B 44 16.76 18.23 13.55
C LYS B 44 15.36 18.01 14.17
N GLU B 45 14.40 17.60 13.34
CA GLU B 45 13.02 17.45 13.79
C GLU B 45 12.85 16.12 14.52
N HIS B 46 12.22 16.17 15.69
CA HIS B 46 12.01 14.95 16.47
C HIS B 46 10.65 14.33 16.32
N SER B 47 9.66 15.12 15.89
CA SER B 47 8.32 14.60 15.61
C SER B 47 7.52 15.45 14.63
N VAL B 48 7.31 14.91 13.44
CA VAL B 48 6.49 15.55 12.44
C VAL B 48 5.48 14.54 11.93
N ASP B 49 4.57 14.98 11.06
CA ASP B 49 3.47 14.16 10.53
C ASP B 49 3.76 13.75 9.08
N TYR B 50 3.92 12.45 8.83
CA TYR B 50 4.25 11.96 7.48
C TYR B 50 3.42 12.55 6.32
N PRO B 51 2.11 12.82 6.51
CA PRO B 51 1.38 13.33 5.34
C PRO B 51 1.87 14.67 4.81
N ASP B 52 2.56 15.42 5.64
CA ASP B 52 3.06 16.73 5.26
C ASP B 52 4.33 16.64 4.42
N TYR B 53 4.87 15.45 4.23
CA TYR B 53 6.16 15.30 3.54
C TYR B 53 6.01 14.53 2.18
N VAL B 54 4.77 14.31 1.79
CA VAL B 54 4.44 13.63 0.54
C VAL B 54 4.43 14.57 -0.69
N HIS B 55 3.79 15.74 -0.59
CA HIS B 55 3.59 16.61 -1.77
C HIS B 55 4.82 16.90 -2.54
N ASP B 56 5.88 17.31 -1.88
CA ASP B 56 7.07 17.75 -2.64
C ASP B 56 7.74 16.61 -3.39
N VAL B 57 7.49 15.38 -2.96
CA VAL B 57 7.93 14.21 -3.70
C VAL B 57 7.00 13.88 -4.86
N VAL B 58 5.71 13.68 -4.58
CA VAL B 58 4.80 13.18 -5.60
C VAL B 58 4.61 14.19 -6.76
N ARG B 59 4.68 15.48 -6.48
CA ARG B 59 4.55 16.46 -7.58
C ARG B 59 5.69 16.37 -8.62
N GLU B 60 6.81 15.75 -8.23
CA GLU B 60 7.97 15.65 -9.12
C GLU B 60 8.06 14.30 -9.81
N VAL B 61 7.20 13.35 -9.42
CA VAL B 61 7.27 11.99 -9.96
C VAL B 61 6.76 11.96 -11.40
N SER B 62 7.47 11.28 -12.28
CA SER B 62 7.10 11.21 -13.69
C SER B 62 7.68 9.95 -14.33
N ASP B 63 7.59 9.86 -15.66
CA ASP B 63 8.22 8.74 -16.35
C ASP B 63 9.75 8.74 -16.19
N THR B 64 10.36 9.87 -15.85
CA THR B 64 11.81 9.92 -15.65
C THR B 64 12.26 10.18 -14.21
N SER B 65 11.31 10.19 -13.26
CA SER B 65 11.62 10.54 -11.86
C SER B 65 10.77 9.70 -10.90
N PHE B 66 11.44 8.98 -10.00
CA PHE B 66 10.77 8.13 -9.00
C PHE B 66 10.90 8.79 -7.60
N GLY B 67 10.07 8.30 -6.67
CA GLY B 67 10.04 8.80 -5.33
C GLY B 67 10.22 7.65 -4.34
N VAL B 68 10.77 8.03 -3.18
CA VAL B 68 10.93 7.13 -2.05
C VAL B 68 10.33 7.88 -0.85
N LEU B 69 9.45 7.20 -0.10
CA LEU B 69 8.81 7.78 1.08
C LEU B 69 8.98 6.85 2.26
N ILE B 70 9.33 7.40 3.42
CA ILE B 70 9.69 6.62 4.58
C ILE B 70 9.03 7.11 5.87
N CYS B 71 8.17 6.29 6.47
CA CYS B 71 7.70 6.52 7.83
C CYS B 71 8.07 5.28 8.64
N GLY B 72 7.60 5.23 9.89
CA GLY B 72 7.95 4.13 10.77
C GLY B 72 7.59 2.77 10.21
N THR B 73 6.41 2.67 9.63
CA THR B 73 5.91 1.39 9.08
C THR B 73 5.81 1.31 7.56
N GLY B 74 5.72 2.47 6.92
CA GLY B 74 5.50 2.58 5.48
C GLY B 74 4.04 2.69 5.06
N ILE B 75 3.13 2.31 5.95
CA ILE B 75 1.72 2.16 5.63
C ILE B 75 1.12 3.53 5.36
N GLY B 76 1.42 4.47 6.25
CA GLY B 76 0.90 5.81 6.10
C GLY B 76 1.42 6.52 4.86
N MET B 77 2.70 6.36 4.58
CA MET B 77 3.28 6.94 3.34
C MET B 77 2.63 6.36 2.08
N SER B 78 2.39 5.06 2.06
CA SER B 78 1.78 4.45 0.88
CA SER B 78 1.74 4.38 0.92
C SER B 78 0.32 4.90 0.69
N ILE B 79 -0.45 4.99 1.79
CA ILE B 79 -1.82 5.55 1.75
C ILE B 79 -1.81 6.98 1.18
N ALA B 80 -0.97 7.84 1.75
CA ALA B 80 -0.86 9.24 1.32
C ALA B 80 -0.44 9.43 -0.15
N ALA B 81 0.54 8.65 -0.60
CA ALA B 81 1.11 8.81 -1.95
C ALA B 81 0.05 8.42 -2.95
N ASN B 82 -0.74 7.40 -2.64
CA ASN B 82 -1.68 6.86 -3.63
C ASN B 82 -2.98 7.66 -3.75
N ARG B 83 -3.11 8.72 -2.95
CA ARG B 83 -4.17 9.76 -3.18
C ARG B 83 -4.06 10.44 -4.55
N HIS B 84 -2.87 10.38 -5.16
CA HIS B 84 -2.56 11.09 -6.41
C HIS B 84 -2.58 10.13 -7.58
N LYS B 85 -3.37 10.48 -8.59
CA LYS B 85 -3.65 9.61 -9.74
C LYS B 85 -2.48 9.28 -10.62
N ASN B 86 -1.46 10.11 -10.60
CA ASN B 86 -0.25 9.88 -11.37
C ASN B 86 0.76 9.07 -10.56
N ILE B 87 0.43 8.73 -9.31
CA ILE B 87 1.35 7.99 -8.45
C ILE B 87 0.91 6.55 -8.25
N ARG B 88 1.90 5.64 -8.27
CA ARG B 88 1.69 4.22 -8.06
C ARG B 88 2.73 3.73 -7.06
N ALA B 89 2.33 3.72 -5.77
CA ALA B 89 3.23 3.57 -4.65
C ALA B 89 3.10 2.17 -4.03
N ALA B 90 4.21 1.57 -3.63
CA ALA B 90 4.16 0.22 -3.05
C ALA B 90 5.07 0.24 -1.83
N LEU B 91 4.54 -0.25 -0.71
CA LEU B 91 5.34 -0.52 0.47
C LEU B 91 6.02 -1.85 0.25
N CYS B 92 7.32 -1.82 0.08
CA CYS B 92 8.06 -3.04 -0.15
C CYS B 92 9.01 -3.35 0.98
N SER B 93 8.90 -4.57 1.51
CA SER B 93 9.84 -5.06 2.51
C SER B 93 10.74 -6.19 1.96
N SER B 94 10.61 -6.51 0.68
CA SER B 94 11.35 -7.60 0.05
C SER B 94 11.62 -7.23 -1.40
N THR B 95 12.65 -7.82 -1.96
CA THR B 95 12.92 -7.63 -3.37
C THR B 95 11.79 -8.20 -4.24
N MET B 96 11.15 -9.28 -3.82
CA MET B 96 10.07 -9.83 -4.63
C MET B 96 8.91 -8.82 -4.84
N LEU B 97 8.49 -8.18 -3.76
CA LEU B 97 7.44 -7.22 -3.81
C LEU B 97 7.83 -6.02 -4.67
N ALA B 98 9.06 -5.51 -4.53
CA ALA B 98 9.52 -4.43 -5.41
C ALA B 98 9.43 -4.88 -6.88
N LYS B 99 9.90 -6.09 -7.15
CA LYS B 99 9.95 -6.62 -8.53
C LYS B 99 8.55 -6.68 -9.10
N LEU B 100 7.61 -7.23 -8.33
CA LEU B 100 6.21 -7.32 -8.81
C LEU B 100 5.56 -5.94 -8.98
N SER B 101 5.76 -5.01 -8.04
CA SER B 101 5.17 -3.67 -8.18
C SER B 101 5.63 -2.95 -9.45
N ARG B 102 6.89 -3.15 -9.81
CA ARG B 102 7.42 -2.58 -11.05
C ARG B 102 6.88 -3.36 -12.29
N GLU B 103 6.98 -4.68 -12.27
CA GLU B 103 6.49 -5.49 -13.40
C GLU B 103 5.00 -5.32 -13.71
N HIS B 104 4.15 -5.39 -12.67
CA HIS B 104 2.72 -5.43 -12.88
C HIS B 104 2.10 -4.03 -12.83
N ASN B 105 2.58 -3.19 -11.90
CA ASN B 105 1.92 -1.90 -11.65
C ASN B 105 2.72 -0.68 -12.07
N ASP B 106 3.88 -0.89 -12.71
CA ASP B 106 4.75 0.22 -13.13
C ASP B 106 4.90 1.20 -11.94
N ALA B 107 5.14 0.66 -10.75
CA ALA B 107 5.17 1.50 -9.53
C ALA B 107 6.23 2.59 -9.67
N ASN B 108 5.91 3.82 -9.25
CA ASN B 108 6.89 4.93 -9.37
C ASN B 108 7.23 5.60 -8.03
N VAL B 109 6.63 5.10 -6.96
CA VAL B 109 6.99 5.49 -5.60
C VAL B 109 7.19 4.26 -4.72
N LEU B 110 8.34 4.23 -4.09
CA LEU B 110 8.69 3.14 -3.23
C LEU B 110 8.60 3.56 -1.75
N CYS B 111 7.74 2.88 -0.99
CA CYS B 111 7.57 3.22 0.42
C CYS B 111 8.27 2.19 1.31
N PHE B 112 8.92 2.70 2.37
CA PHE B 112 9.62 1.91 3.37
C PHE B 112 9.11 2.21 4.77
N GLY B 113 9.17 1.19 5.63
CA GLY B 113 8.91 1.28 7.08
C GLY B 113 10.22 1.12 7.80
N SER B 114 10.79 2.25 8.21
CA SER B 114 12.18 2.29 8.68
C SER B 114 12.35 1.52 9.98
N ARG B 115 11.27 1.36 10.77
CA ARG B 115 11.39 0.63 12.03
C ARG B 115 11.34 -0.89 11.87
N TYR B 116 11.14 -1.38 10.64
CA TYR B 116 10.92 -2.80 10.38
C TYR B 116 11.77 -3.36 9.25
N ILE B 117 12.68 -2.58 8.70
CA ILE B 117 13.56 -3.08 7.65
C ILE B 117 14.96 -2.57 7.99
N ASP B 118 15.96 -3.40 7.79
CA ASP B 118 17.28 -2.92 8.13
C ASP B 118 17.83 -2.27 6.86
N PRO B 119 18.79 -1.34 7.01
CA PRO B 119 19.28 -0.57 5.86
C PRO B 119 19.84 -1.41 4.69
N ASP B 120 20.54 -2.51 4.99
CA ASP B 120 21.11 -3.33 3.93
C ASP B 120 20.03 -4.00 3.07
N THR B 121 18.97 -4.48 3.72
CA THR B 121 17.85 -5.06 3.00
C THR B 121 17.13 -4.00 2.22
N ALA B 122 16.93 -2.83 2.81
CA ALA B 122 16.23 -1.73 2.08
C ALA B 122 17.01 -1.32 0.83
N GLN B 123 18.32 -1.24 0.94
CA GLN B 123 19.20 -0.99 -0.21
C GLN B 123 18.94 -2.00 -1.33
N SER B 124 18.85 -3.30 -1.01
CA SER B 124 18.54 -4.34 -2.02
C SER B 124 17.20 -4.13 -2.71
N VAL B 125 16.22 -3.82 -1.87
CA VAL B 125 14.86 -3.57 -2.32
C VAL B 125 14.81 -2.39 -3.26
N LEU B 126 15.48 -1.29 -2.89
CA LEU B 126 15.55 -0.12 -3.75
C LEU B 126 16.27 -0.43 -5.07
N TYR B 127 17.35 -1.21 -5.03
CA TYR B 127 18.07 -1.54 -6.25
C TYR B 127 17.13 -2.32 -7.18
N THR B 128 16.39 -3.29 -6.63
CA THR B 128 15.47 -4.06 -7.47
C THR B 128 14.43 -3.15 -8.08
N PHE B 129 13.89 -2.25 -7.28
CA PHE B 129 12.87 -1.30 -7.74
C PHE B 129 13.36 -0.45 -8.89
N MET B 130 14.59 0.05 -8.76
CA MET B 130 15.18 0.94 -9.74
C MET B 130 15.59 0.25 -11.04
N THR B 131 15.80 -1.07 -10.99
CA THR B 131 16.33 -1.81 -12.14
C THR B 131 15.32 -2.83 -12.73
N THR B 132 14.04 -2.76 -12.32
CA THR B 132 13.02 -3.67 -12.86
C THR B 132 12.15 -2.93 -13.84
N ALA B 133 12.08 -3.41 -15.08
CA ALA B 133 11.20 -2.83 -16.10
C ALA B 133 9.74 -3.28 -15.94
N PHE B 134 8.83 -2.39 -16.34
CA PHE B 134 7.41 -2.66 -16.40
C PHE B 134 7.16 -3.64 -17.54
N LEU B 135 6.31 -4.63 -17.31
CA LEU B 135 6.03 -5.64 -18.31
C LEU B 135 5.03 -5.18 -19.36
N GLY B 136 4.21 -4.19 -19.05
CA GLY B 136 3.15 -3.80 -19.99
C GLY B 136 2.24 -4.98 -20.31
N GLY B 137 1.96 -5.18 -21.61
CA GLY B 137 1.05 -6.24 -22.02
C GLY B 137 -0.34 -6.16 -21.40
N ARG B 138 -0.75 -7.24 -20.75
CA ARG B 138 -2.09 -7.26 -20.10
C ARG B 138 -2.21 -6.33 -18.87
N HIS B 139 -1.05 -5.95 -18.32
CA HIS B 139 -1.02 -4.99 -17.22
C HIS B 139 -1.26 -3.56 -17.65
N ALA B 140 -0.98 -3.25 -18.92
CA ALA B 140 -1.02 -1.87 -19.41
C ALA B 140 -2.38 -1.29 -19.15
N VAL B 141 -3.42 -2.04 -19.54
CA VAL B 141 -4.77 -1.51 -19.40
C VAL B 141 -5.10 -1.23 -17.94
N ARG B 142 -4.66 -2.08 -17.02
CA ARG B 142 -4.97 -1.87 -15.60
C ARG B 142 -4.23 -0.64 -15.05
N VAL B 143 -2.97 -0.50 -15.45
CA VAL B 143 -2.14 0.66 -15.05
C VAL B 143 -2.79 1.93 -15.57
N GLN B 144 -3.29 1.92 -16.81
CA GLN B 144 -4.02 3.09 -17.39
C GLN B 144 -5.21 3.45 -16.55
N LYS B 145 -5.97 2.42 -16.17
CA LYS B 145 -7.14 2.62 -15.34
C LYS B 145 -6.80 3.18 -13.96
N LEU B 146 -5.67 2.77 -13.38
CA LEU B 146 -5.22 3.38 -12.11
C LEU B 146 -5.11 4.92 -12.23
N GLY B 147 -4.92 5.41 -13.45
CA GLY B 147 -4.95 6.83 -13.70
C GLY B 147 -6.34 7.33 -14.01
#